data_4LJS
#
_entry.id   4LJS
#
_cell.length_a   82.994
_cell.length_b   82.994
_cell.length_c   110.419
_cell.angle_alpha   90.00
_cell.angle_beta   90.00
_cell.angle_gamma   120.00
#
_symmetry.space_group_name_H-M   'P 62'
#
loop_
_entity.id
_entity.type
_entity.pdbx_description
1 polymer 'Periplasmic binding protein'
2 non-polymer GLYCEROL
3 non-polymer 'PHOSPHATE ION'
4 water water
#
_entity_poly.entity_id   1
_entity_poly.type   'polypeptide(L)'
_entity_poly.pdbx_seq_one_letter_code
;SNAQQVTVEDHQSTPVHIKLQPPVTIESFVRRGEPFESTYTAVPERVVA(MSE)WQNSIETIIALGEGDRIVAG(MSE)G
IPDRKYVRPEYREAYDKIPYKDLKYANLESVL(MSE)(MSE)KPDLLVGWKSTFTNK(MSE)LQTPTFWQARLANVYIAE
SSLGAQSALT(MSE)D(MSE)EYKYIRDLGRIFNRN(MSE)EAERLIQE(MSE)QQSVAYTVAQTAHEKPPKALFIEVQG
KHFRLYGHKTLAGNIGASLHADVIDTETPSIS(MSE)EDVVEQNPDVIFLIVSDGEYSQADVI(MSE)NYVLTQSGLQGV
NALRNKRVHFLPLLAVYSPGIRLLDSIDIVSHGLYPNLYPEGVPDLIH
;
_entity_poly.pdbx_strand_id   A
#
loop_
_chem_comp.id
_chem_comp.type
_chem_comp.name
_chem_comp.formula
GOL non-polymer GLYCEROL 'C3 H8 O3'
PO4 non-polymer 'PHOSPHATE ION' 'O4 P -3'
#
# COMPACT_ATOMS: atom_id res chain seq x y z
N VAL A 8 -21.20 7.39 19.26
CA VAL A 8 -20.31 6.85 18.23
C VAL A 8 -19.06 6.16 18.82
N GLU A 9 -18.31 6.86 19.67
CA GLU A 9 -17.15 6.27 20.33
C GLU A 9 -17.59 5.56 21.59
N ASP A 10 -16.77 4.62 22.05
CA ASP A 10 -16.90 4.09 23.40
C ASP A 10 -16.05 4.95 24.34
N HIS A 11 -16.72 5.82 25.09
CA HIS A 11 -16.03 6.78 25.96
C HIS A 11 -15.63 6.19 27.32
N GLN A 12 -15.99 4.94 27.55
CA GLN A 12 -15.70 4.29 28.83
C GLN A 12 -14.40 3.48 28.80
N SER A 13 -13.73 3.48 27.66
CA SER A 13 -12.41 2.84 27.54
C SER A 13 -11.42 3.72 26.76
N THR A 14 -10.30 4.03 27.39
CA THR A 14 -9.32 4.96 26.87
C THR A 14 -7.94 4.31 26.88
N PRO A 15 -7.15 4.50 25.80
CA PRO A 15 -5.81 3.91 25.71
C PRO A 15 -4.91 4.26 26.89
N VAL A 16 -4.11 3.28 27.32
CA VAL A 16 -3.12 3.48 28.37
C VAL A 16 -2.10 4.52 27.94
N HIS A 17 -1.71 5.40 28.87
CA HIS A 17 -0.68 6.39 28.60
C HIS A 17 0.69 5.70 28.53
N ILE A 18 1.37 5.84 27.40
CA ILE A 18 2.70 5.28 27.25
C ILE A 18 3.69 6.36 26.86
N LYS A 19 4.64 6.62 27.75
CA LYS A 19 5.61 7.68 27.58
C LYS A 19 6.77 7.19 26.72
N LEU A 20 7.20 8.02 25.78
CA LEU A 20 8.36 7.70 24.96
C LEU A 20 9.61 8.37 25.53
N GLN A 21 10.41 7.59 26.24
CA GLN A 21 11.69 8.08 26.76
C GLN A 21 12.81 7.20 26.24
N PRO A 22 13.72 7.79 25.44
CA PRO A 22 13.79 9.20 25.06
C PRO A 22 12.76 9.56 23.98
N PRO A 23 12.51 10.87 23.78
CA PRO A 23 11.54 11.31 22.77
C PRO A 23 11.89 10.79 21.38
N VAL A 24 10.87 10.55 20.58
CA VAL A 24 11.06 10.06 19.21
C VAL A 24 10.94 11.20 18.21
N THR A 25 11.99 11.39 17.43
CA THR A 25 12.00 12.39 16.38
C THR A 25 11.82 11.72 15.01
N ILE A 26 10.82 12.16 14.28
CA ILE A 26 10.49 11.55 12.99
C ILE A 26 10.59 12.58 11.88
N GLU A 27 11.18 12.17 10.75
CA GLU A 27 11.18 13.00 9.55
C GLU A 27 10.11 12.55 8.54
N SER A 28 9.30 13.50 8.10
CA SER A 28 8.30 13.26 7.06
C SER A 28 8.42 14.38 6.04
N PHE A 29 7.55 14.40 5.04
CA PHE A 29 7.63 15.41 3.98
C PHE A 29 6.25 15.93 3.60
N VAL A 30 6.16 17.23 3.33
CA VAL A 30 4.93 17.79 2.81
C VAL A 30 4.95 17.72 1.29
N ARG A 31 6.15 17.80 0.73
CA ARG A 31 6.37 17.60 -0.69
C ARG A 31 7.70 16.92 -0.92
N ARG A 32 7.91 16.42 -2.12
CA ARG A 32 9.19 15.83 -2.49
C ARG A 32 10.30 16.86 -2.25
N GLY A 33 11.24 16.51 -1.38
CA GLY A 33 12.36 17.38 -1.07
C GLY A 33 12.05 18.45 -0.05
N GLU A 34 10.87 18.38 0.57
CA GLU A 34 10.49 19.34 1.59
C GLU A 34 10.14 18.66 2.92
N PRO A 35 11.18 18.42 3.76
CA PRO A 35 10.99 17.68 5.00
C PRO A 35 10.51 18.55 6.16
N PHE A 36 9.82 17.92 7.10
CA PHE A 36 9.53 18.58 8.36
C PHE A 36 9.76 17.56 9.45
N GLU A 37 10.06 18.05 10.65
CA GLU A 37 10.42 17.19 11.75
C GLU A 37 9.35 17.27 12.81
N SER A 38 9.06 16.12 13.42
CA SER A 38 8.08 16.03 14.49
C SER A 38 8.65 15.25 15.65
N THR A 39 8.39 15.72 16.87
CA THR A 39 8.87 15.05 18.06
C THR A 39 7.71 14.50 18.88
N TYR A 40 7.82 13.23 19.25
CA TYR A 40 6.78 12.55 20.01
C TYR A 40 7.29 12.20 21.41
N THR A 41 6.63 12.72 22.44
CA THR A 41 7.01 12.42 23.82
C THR A 41 6.13 11.34 24.45
N ALA A 42 5.09 10.93 23.73
CA ALA A 42 4.20 9.87 24.20
C ALA A 42 3.50 9.23 23.01
N VAL A 43 3.10 7.98 23.16
CA VAL A 43 2.35 7.28 22.12
C VAL A 43 1.01 8.00 21.92
N PRO A 44 0.68 8.35 20.68
CA PRO A 44 -0.58 9.03 20.39
C PRO A 44 -1.77 8.26 20.95
N GLU A 45 -2.79 8.96 21.44
CA GLU A 45 -3.95 8.29 22.00
C GLU A 45 -5.17 8.36 21.11
N ARG A 46 -5.18 9.33 20.20
CA ARG A 46 -6.34 9.60 19.37
C ARG A 46 -5.90 9.88 17.93
N VAL A 47 -5.92 8.84 17.12
CA VAL A 47 -5.38 8.91 15.78
C VAL A 47 -6.47 9.04 14.73
N VAL A 48 -6.31 9.98 13.81
CA VAL A 48 -7.13 10.05 12.61
C VAL A 48 -6.27 9.50 11.49
N ALA A 49 -6.75 8.42 10.87
CA ALA A 49 -5.97 7.70 9.88
C ALA A 49 -6.69 7.69 8.54
N MSE A 50 -6.06 8.27 7.52
CA MSE A 50 -6.65 8.36 6.19
C MSE A 50 -6.04 7.32 5.25
O MSE A 50 -4.82 7.22 5.14
CB MSE A 50 -6.49 9.76 5.62
CG MSE A 50 -7.47 10.13 4.52
SE MSE A 50 -9.25 10.66 5.15
CE MSE A 50 -8.71 11.04 6.93
N TRP A 51 -6.92 6.55 4.60
CA TRP A 51 -6.55 5.55 3.59
C TRP A 51 -5.98 4.26 4.16
N GLN A 52 -6.09 3.20 3.37
CA GLN A 52 -5.80 1.82 3.79
C GLN A 52 -4.46 1.61 4.48
N ASN A 53 -3.37 2.11 3.89
CA ASN A 53 -2.05 1.95 4.51
C ASN A 53 -1.96 2.52 5.92
N SER A 54 -2.58 3.69 6.14
CA SER A 54 -2.58 4.29 7.47
C SER A 54 -3.31 3.39 8.45
N ILE A 55 -4.49 2.93 8.05
CA ILE A 55 -5.38 2.16 8.92
C ILE A 55 -4.82 0.79 9.26
N GLU A 56 -4.53 -0.01 8.23
CA GLU A 56 -4.07 -1.39 8.44
C GLU A 56 -2.67 -1.51 9.04
N THR A 57 -1.79 -0.55 8.77
CA THR A 57 -0.44 -0.60 9.33
C THR A 57 -0.48 -0.40 10.84
N ILE A 58 -1.27 0.57 11.30
CA ILE A 58 -1.40 0.80 12.73
C ILE A 58 -2.07 -0.40 13.39
N ILE A 59 -3.06 -0.98 12.73
CA ILE A 59 -3.67 -2.20 13.23
C ILE A 59 -2.65 -3.33 13.33
N ALA A 60 -1.83 -3.48 12.29
CA ALA A 60 -0.84 -4.56 12.25
C ALA A 60 0.20 -4.43 13.36
N LEU A 61 0.42 -3.21 13.81
CA LEU A 61 1.40 -2.96 14.87
C LEU A 61 0.81 -3.22 16.26
N GLY A 62 -0.51 -3.43 16.31
CA GLY A 62 -1.19 -3.79 17.54
C GLY A 62 -1.92 -2.62 18.20
N GLU A 63 -1.98 -1.49 17.52
CA GLU A 63 -2.49 -0.29 18.15
C GLU A 63 -3.79 0.22 17.55
N GLY A 64 -4.60 -0.69 17.03
CA GLY A 64 -5.89 -0.38 16.45
C GLY A 64 -6.82 0.37 17.39
N ASP A 65 -6.73 0.08 18.69
CA ASP A 65 -7.58 0.75 19.67
C ASP A 65 -7.34 2.24 19.74
N ARG A 66 -6.18 2.70 19.29
CA ARG A 66 -5.85 4.12 19.37
C ARG A 66 -6.44 4.93 18.21
N ILE A 67 -6.96 4.22 17.21
CA ILE A 67 -7.58 4.88 16.06
C ILE A 67 -9.00 5.36 16.37
N VAL A 68 -9.21 6.67 16.26
CA VAL A 68 -10.55 7.24 16.41
C VAL A 68 -11.28 7.23 15.08
N ALA A 69 -10.56 7.63 14.03
CA ALA A 69 -11.13 7.60 12.69
C ALA A 69 -10.21 6.87 11.72
N GLY A 70 -10.78 5.94 10.96
CA GLY A 70 -10.05 5.19 9.96
C GLY A 70 -10.89 5.23 8.71
N MSE A 71 -10.63 6.22 7.86
CA MSE A 71 -11.54 6.52 6.76
C MSE A 71 -10.92 6.19 5.41
O MSE A 71 -9.72 6.35 5.23
CB MSE A 71 -11.97 7.99 6.82
CG MSE A 71 -12.64 8.37 8.14
SE MSE A 71 -13.04 10.28 8.33
CE MSE A 71 -11.36 10.82 9.14
N GLY A 72 -11.74 5.73 4.47
CA GLY A 72 -11.27 5.52 3.11
C GLY A 72 -11.23 4.08 2.61
N ILE A 73 -11.54 3.11 3.47
CA ILE A 73 -11.73 1.74 3.00
C ILE A 73 -13.22 1.48 2.76
N PRO A 74 -13.58 1.08 1.53
CA PRO A 74 -14.98 0.92 1.15
C PRO A 74 -15.73 -0.16 1.93
N ASP A 75 -15.03 -1.16 2.44
CA ASP A 75 -15.67 -2.27 3.13
C ASP A 75 -14.65 -3.11 3.91
N ARG A 76 -15.12 -3.76 4.97
CA ARG A 76 -14.25 -4.62 5.79
C ARG A 76 -13.61 -5.77 5.02
N LYS A 77 -14.25 -6.23 3.95
CA LYS A 77 -13.73 -7.35 3.16
C LYS A 77 -12.39 -7.02 2.48
N TYR A 78 -12.09 -5.73 2.36
CA TYR A 78 -10.85 -5.30 1.73
C TYR A 78 -9.71 -5.32 2.73
N VAL A 79 -10.04 -5.45 4.01
CA VAL A 79 -9.04 -5.53 5.07
C VAL A 79 -8.63 -6.99 5.23
N ARG A 80 -7.33 -7.24 5.50
CA ARG A 80 -6.84 -8.60 5.76
C ARG A 80 -7.68 -9.25 6.86
N PRO A 81 -8.07 -10.52 6.66
CA PRO A 81 -8.93 -11.24 7.60
C PRO A 81 -8.54 -11.06 9.07
N GLU A 82 -7.25 -11.18 9.37
CA GLU A 82 -6.77 -11.09 10.75
C GLU A 82 -6.83 -9.68 11.34
N TYR A 83 -7.07 -8.69 10.50
CA TYR A 83 -7.17 -7.30 10.95
C TYR A 83 -8.62 -6.79 10.96
N ARG A 84 -9.56 -7.64 10.52
CA ARG A 84 -10.95 -7.20 10.40
C ARG A 84 -11.63 -6.85 11.71
N GLU A 85 -11.41 -7.66 12.74
CA GLU A 85 -12.06 -7.42 14.03
C GLU A 85 -11.69 -6.05 14.60
N ALA A 86 -10.40 -5.73 14.57
CA ALA A 86 -9.92 -4.43 15.03
C ALA A 86 -10.50 -3.32 14.15
N TYR A 87 -10.52 -3.54 12.84
CA TYR A 87 -11.11 -2.59 11.91
C TYR A 87 -12.54 -2.25 12.30
N ASP A 88 -13.34 -3.28 12.59
CA ASP A 88 -14.74 -3.09 12.95
C ASP A 88 -14.95 -2.19 14.16
N LYS A 89 -13.97 -2.14 15.06
CA LYS A 89 -14.12 -1.35 16.29
C LYS A 89 -13.91 0.16 16.08
N ILE A 90 -13.29 0.53 14.96
CA ILE A 90 -13.00 1.93 14.70
C ILE A 90 -14.30 2.73 14.65
N PRO A 91 -14.44 3.73 15.54
CA PRO A 91 -15.63 4.58 15.66
C PRO A 91 -16.05 5.29 14.36
N TYR A 92 -15.12 5.99 13.70
CA TYR A 92 -15.48 6.75 12.50
C TYR A 92 -14.82 6.16 11.26
N LYS A 93 -15.63 5.73 10.29
CA LYS A 93 -15.11 5.15 9.05
C LYS A 93 -15.58 5.89 7.79
N ASP A 94 -16.74 6.52 7.85
CA ASP A 94 -17.38 7.09 6.67
C ASP A 94 -16.65 8.35 6.17
N LEU A 95 -16.42 8.41 4.86
CA LEU A 95 -15.72 9.54 4.24
C LEU A 95 -16.42 10.89 4.40
N LYS A 96 -17.69 10.86 4.79
CA LYS A 96 -18.39 12.12 5.04
C LYS A 96 -17.83 12.80 6.29
N TYR A 97 -16.97 12.10 7.04
CA TYR A 97 -16.29 12.69 8.19
C TYR A 97 -14.91 13.23 7.83
N ALA A 98 -14.49 13.01 6.58
CA ALA A 98 -13.16 13.44 6.14
C ALA A 98 -13.21 14.88 5.71
N ASN A 99 -13.48 15.77 6.66
CA ASN A 99 -13.46 17.20 6.43
C ASN A 99 -12.94 17.85 7.68
N LEU A 100 -12.49 19.10 7.56
CA LEU A 100 -11.78 19.73 8.65
C LEU A 100 -12.66 19.88 9.90
N GLU A 101 -13.93 20.21 9.70
CA GLU A 101 -14.81 20.48 10.82
C GLU A 101 -15.04 19.22 11.67
N SER A 102 -15.28 18.08 11.03
CA SER A 102 -15.45 16.81 11.74
C SER A 102 -14.17 16.36 12.46
N VAL A 103 -13.04 16.48 11.78
CA VAL A 103 -11.76 16.09 12.38
C VAL A 103 -11.35 16.97 13.56
N LEU A 104 -11.65 18.26 13.50
CA LEU A 104 -11.46 19.16 14.64
C LEU A 104 -12.23 18.64 15.87
N MSE A 105 -13.48 18.25 15.65
N MSE A 105 -13.48 18.24 15.66
CA MSE A 105 -14.34 17.75 16.72
CA MSE A 105 -14.31 17.75 16.76
C MSE A 105 -13.76 16.50 17.40
C MSE A 105 -13.74 16.51 17.41
O MSE A 105 -13.95 16.30 18.60
O MSE A 105 -13.94 16.28 18.61
CB MSE A 105 -15.75 17.46 16.18
CB MSE A 105 -15.74 17.45 16.28
CG MSE A 105 -16.68 16.69 17.14
CG MSE A 105 -16.47 18.65 15.75
SE MSE A 105 -16.56 14.73 17.01
SE MSE A 105 -18.23 18.17 15.11
CE MSE A 105 -17.09 14.52 15.15
CE MSE A 105 -18.13 19.05 13.36
N MSE A 106 -13.06 15.70 16.62
CA MSE A 106 -12.48 14.45 17.10
C MSE A 106 -11.26 14.67 17.98
O MSE A 106 -10.89 13.80 18.76
CB MSE A 106 -12.06 13.57 15.92
CG MSE A 106 -13.21 13.03 15.13
SE MSE A 106 -12.58 12.11 13.53
CE MSE A 106 -14.29 12.06 12.60
N LYS A 107 -10.63 15.83 17.82
CA LYS A 107 -9.42 16.20 18.57
C LYS A 107 -8.33 15.15 18.50
N PRO A 108 -7.78 14.93 17.30
CA PRO A 108 -6.72 13.93 17.18
C PRO A 108 -5.43 14.46 17.80
N ASP A 109 -4.54 13.55 18.19
CA ASP A 109 -3.20 13.96 18.58
C ASP A 109 -2.18 13.48 17.54
N LEU A 110 -2.64 12.64 16.61
CA LEU A 110 -1.84 12.27 15.45
C LEU A 110 -2.76 12.09 14.25
N LEU A 111 -2.39 12.69 13.14
CA LEU A 111 -3.08 12.44 11.87
C LEU A 111 -2.10 11.78 10.91
N VAL A 112 -2.52 10.67 10.33
CA VAL A 112 -1.68 9.94 9.38
C VAL A 112 -2.36 9.89 8.02
N GLY A 113 -1.68 10.36 6.99
CA GLY A 113 -2.28 10.36 5.67
C GLY A 113 -1.30 10.52 4.53
N TRP A 114 -1.80 11.10 3.45
CA TRP A 114 -1.03 11.31 2.24
C TRP A 114 -0.71 12.78 2.06
N LYS A 115 0.14 13.08 1.08
CA LYS A 115 0.51 14.46 0.77
C LYS A 115 -0.72 15.35 0.58
N SER A 116 -1.72 14.85 -0.15
CA SER A 116 -2.93 15.62 -0.44
C SER A 116 -3.86 15.78 0.75
N THR A 117 -3.65 14.99 1.79
CA THR A 117 -4.54 15.04 2.95
C THR A 117 -4.37 16.35 3.74
N PHE A 118 -3.16 16.90 3.73
CA PHE A 118 -2.81 17.95 4.68
C PHE A 118 -2.54 19.30 4.04
N THR A 119 -3.55 19.80 3.33
CA THR A 119 -3.54 21.15 2.79
C THR A 119 -4.84 21.81 3.24
N ASN A 120 -4.97 23.10 2.97
CA ASN A 120 -6.18 23.84 3.37
C ASN A 120 -7.41 23.43 2.55
N LYS A 121 -7.19 22.63 1.51
CA LYS A 121 -8.28 22.07 0.74
C LYS A 121 -8.86 20.84 1.46
N MSE A 122 -8.14 20.35 2.48
CA MSE A 122 -8.50 19.11 3.14
C MSE A 122 -8.41 19.24 4.67
O MSE A 122 -9.11 20.02 5.27
CB MSE A 122 -7.62 17.95 2.64
CG MSE A 122 -8.40 16.78 2.06
SE MSE A 122 -9.96 16.22 3.11
CE MSE A 122 -10.78 15.06 1.77
N LEU A 123 -7.51 18.46 5.27
CA LEU A 123 -7.43 18.40 6.72
C LEU A 123 -6.38 19.34 7.33
N GLN A 124 -5.86 20.26 6.56
CA GLN A 124 -4.90 21.27 7.01
C GLN A 124 -3.50 20.81 7.27
N THR A 125 -2.57 21.73 7.35
CA THR A 125 -1.12 21.45 7.37
C THR A 125 -0.57 20.96 8.72
N PRO A 126 0.65 20.38 8.71
CA PRO A 126 1.35 20.02 9.95
C PRO A 126 1.49 21.21 10.90
N THR A 127 1.78 22.38 10.33
CA THR A 127 1.92 23.60 11.11
C THR A 127 0.62 23.95 11.85
N PHE A 128 -0.51 23.75 11.18
CA PHE A 128 -1.81 24.01 11.77
C PHE A 128 -2.03 23.10 12.97
N TRP A 129 -1.76 21.81 12.79
CA TRP A 129 -2.00 20.82 13.83
C TRP A 129 -1.00 20.91 14.97
N GLN A 130 0.23 21.33 14.66
CA GLN A 130 1.24 21.47 15.70
C GLN A 130 0.86 22.59 16.66
N ALA A 131 0.09 23.54 16.17
CA ALA A 131 -0.39 24.63 17.02
C ALA A 131 -1.52 24.12 17.92
N ARG A 132 -2.11 22.99 17.53
CA ARG A 132 -3.18 22.37 18.32
C ARG A 132 -2.61 21.20 19.13
N LEU A 133 -1.29 21.17 19.27
CA LEU A 133 -0.59 20.09 19.98
C LEU A 133 -0.83 18.68 19.42
N ALA A 134 -0.95 18.59 18.10
CA ALA A 134 -1.05 17.31 17.44
C ALA A 134 0.08 17.17 16.44
N ASN A 135 0.36 15.92 16.04
CA ASN A 135 1.36 15.65 15.03
C ASN A 135 0.74 15.16 13.74
N VAL A 136 1.51 15.27 12.66
CA VAL A 136 1.09 14.79 11.34
C VAL A 136 2.19 13.90 10.77
N TYR A 137 1.80 12.73 10.25
CA TYR A 137 2.74 11.89 9.53
C TYR A 137 2.21 11.60 8.13
N ILE A 138 3.07 11.81 7.14
CA ILE A 138 2.70 11.71 5.74
C ILE A 138 3.45 10.57 5.04
N ALA A 139 2.72 9.71 4.31
CA ALA A 139 3.37 8.63 3.56
C ALA A 139 4.29 9.18 2.48
N GLU A 140 5.57 8.84 2.55
CA GLU A 140 6.52 9.31 1.54
C GLU A 140 6.16 8.83 0.12
N SER A 141 5.56 7.65 0.01
CA SER A 141 5.21 7.13 -1.31
C SER A 141 3.99 7.81 -1.94
N SER A 142 3.38 8.75 -1.20
CA SER A 142 2.27 9.52 -1.74
C SER A 142 2.69 10.90 -2.30
N LEU A 143 3.99 11.18 -2.33
CA LEU A 143 4.47 12.53 -2.67
C LEU A 143 4.42 12.86 -4.16
N GLY A 144 4.23 11.85 -4.99
CA GLY A 144 4.11 12.10 -6.43
C GLY A 144 4.86 11.09 -7.27
N ALA A 145 4.43 10.95 -8.53
CA ALA A 145 4.96 9.94 -9.43
C ALA A 145 6.32 10.32 -10.03
N GLN A 146 6.69 11.61 -9.93
CA GLN A 146 7.93 12.09 -10.51
C GLN A 146 9.17 11.37 -9.95
N SER A 147 9.07 10.88 -8.72
CA SER A 147 10.14 10.09 -8.13
C SER A 147 9.78 8.61 -8.21
N ALA A 148 10.80 7.75 -8.30
CA ALA A 148 10.59 6.31 -8.32
C ALA A 148 10.06 5.84 -6.96
N LEU A 149 8.94 5.14 -6.97
CA LEU A 149 8.35 4.62 -5.75
C LEU A 149 8.94 3.23 -5.46
N THR A 150 9.35 3.00 -4.22
CA THR A 150 10.12 1.80 -3.90
C THR A 150 9.57 1.02 -2.71
N MSE A 151 10.01 -0.23 -2.58
CA MSE A 151 9.69 -1.05 -1.42
C MSE A 151 10.29 -0.43 -0.16
O MSE A 151 9.68 -0.45 0.90
CB MSE A 151 10.21 -2.49 -1.60
CG MSE A 151 9.57 -3.22 -2.77
SE MSE A 151 10.08 -5.10 -2.87
CE MSE A 151 9.13 -5.73 -1.30
N ASP A 152 11.49 0.13 -0.30
CA ASP A 152 12.18 0.82 0.77
C ASP A 152 11.31 1.88 1.46
N MSE A 153 10.62 2.70 0.68
CA MSE A 153 9.74 3.72 1.26
C MSE A 153 8.68 3.10 2.16
O MSE A 153 8.35 3.66 3.20
CB MSE A 153 9.05 4.55 0.19
CG MSE A 153 9.98 5.46 -0.56
SE MSE A 153 9.06 6.24 -2.07
CE MSE A 153 10.58 7.20 -2.86
N GLU A 154 8.16 1.94 1.75
CA GLU A 154 7.15 1.25 2.56
C GLU A 154 7.75 0.70 3.86
N TYR A 155 8.96 0.16 3.78
CA TYR A 155 9.66 -0.33 4.97
C TYR A 155 9.85 0.79 5.99
N LYS A 156 10.32 1.94 5.53
CA LYS A 156 10.58 3.08 6.42
C LYS A 156 9.27 3.55 7.03
N TYR A 157 8.21 3.53 6.22
CA TYR A 157 6.89 3.93 6.64
C TYR A 157 6.47 3.09 7.84
N ILE A 158 6.61 1.78 7.69
CA ILE A 158 6.27 0.85 8.76
C ILE A 158 7.15 1.09 9.99
N ARG A 159 8.43 1.32 9.74
CA ARG A 159 9.39 1.55 10.82
C ARG A 159 9.09 2.85 11.58
N ASP A 160 8.72 3.90 10.85
CA ASP A 160 8.37 5.19 11.47
C ASP A 160 7.14 5.06 12.38
N LEU A 161 6.10 4.41 11.87
CA LEU A 161 4.90 4.20 12.67
C LEU A 161 5.25 3.34 13.88
N GLY A 162 6.10 2.34 13.69
CA GLY A 162 6.60 1.54 14.80
C GLY A 162 7.24 2.38 15.90
N ARG A 163 8.07 3.35 15.52
CA ARG A 163 8.69 4.23 16.52
C ARG A 163 7.65 5.11 17.21
N ILE A 164 6.71 5.65 16.43
CA ILE A 164 5.69 6.52 16.99
C ILE A 164 4.83 5.78 18.04
N PHE A 165 4.51 4.53 17.77
CA PHE A 165 3.62 3.76 18.66
C PHE A 165 4.32 2.84 19.65
N ASN A 166 5.63 3.05 19.81
CA ASN A 166 6.46 2.14 20.60
C ASN A 166 6.25 0.66 20.25
N ARG A 167 6.20 0.36 18.96
CA ARG A 167 6.02 -1.01 18.49
C ARG A 167 7.16 -1.36 17.56
N ASN A 168 8.37 -1.12 18.03
CA ASN A 168 9.56 -1.33 17.20
C ASN A 168 9.80 -2.80 16.90
N MSE A 169 9.64 -3.64 17.92
CA MSE A 169 9.80 -5.07 17.74
C MSE A 169 8.81 -5.61 16.70
O MSE A 169 9.18 -6.38 15.81
CB MSE A 169 9.65 -5.80 19.07
CG MSE A 169 9.97 -7.28 18.97
SE MSE A 169 8.40 -8.39 19.25
CE MSE A 169 8.47 -8.48 21.20
N GLU A 170 7.55 -5.19 16.80
CA GLU A 170 6.53 -5.64 15.86
C GLU A 170 6.82 -5.14 14.45
N ALA A 171 7.27 -3.90 14.32
CA ALA A 171 7.62 -3.34 13.03
C ALA A 171 8.76 -4.10 12.36
N GLU A 172 9.80 -4.39 13.13
CA GLU A 172 10.96 -5.10 12.60
C GLU A 172 10.64 -6.52 12.17
N ARG A 173 9.79 -7.20 12.94
CA ARG A 173 9.39 -8.55 12.58
C ARG A 173 8.63 -8.55 11.25
N LEU A 174 7.70 -7.60 11.11
CA LEU A 174 6.92 -7.49 9.88
C LEU A 174 7.80 -7.18 8.66
N ILE A 175 8.71 -6.23 8.83
CA ILE A 175 9.64 -5.86 7.78
C ILE A 175 10.54 -7.04 7.40
N GLN A 176 11.09 -7.71 8.40
CA GLN A 176 11.99 -8.83 8.19
C GLN A 176 11.31 -9.98 7.43
N GLU A 177 10.04 -10.24 7.74
CA GLU A 177 9.28 -11.28 7.07
C GLU A 177 9.26 -11.01 5.57
N MSE A 178 8.97 -9.76 5.21
CA MSE A 178 8.91 -9.35 3.82
C MSE A 178 10.28 -9.42 3.14
O MSE A 178 10.42 -9.94 2.03
CB MSE A 178 8.32 -7.95 3.73
CG MSE A 178 6.84 -7.90 4.10
SE MSE A 178 5.98 -6.15 3.93
CE MSE A 178 7.00 -5.15 5.20
N GLN A 179 11.29 -8.89 3.81
CA GLN A 179 12.64 -8.87 3.26
C GLN A 179 13.21 -10.28 3.07
N GLN A 180 12.98 -11.16 4.04
CA GLN A 180 13.46 -12.53 3.96
C GLN A 180 12.77 -13.29 2.83
N SER A 181 11.51 -12.95 2.60
CA SER A 181 10.72 -13.58 1.57
C SER A 181 11.25 -13.24 0.17
N VAL A 182 11.48 -11.95 -0.07
CA VAL A 182 12.06 -11.49 -1.33
C VAL A 182 13.43 -12.14 -1.58
N ALA A 183 14.28 -12.15 -0.56
CA ALA A 183 15.64 -12.66 -0.69
C ALA A 183 15.66 -14.16 -0.90
N TYR A 184 14.74 -14.86 -0.23
CA TYR A 184 14.61 -16.30 -0.41
C TYR A 184 14.27 -16.61 -1.87
N THR A 185 13.25 -15.94 -2.39
CA THR A 185 12.80 -16.12 -3.77
C THR A 185 13.93 -15.92 -4.78
N VAL A 186 14.64 -14.81 -4.68
CA VAL A 186 15.76 -14.53 -5.58
C VAL A 186 16.85 -15.61 -5.47
N ALA A 187 17.17 -16.01 -4.24
CA ALA A 187 18.26 -16.99 -4.04
C ALA A 187 17.94 -18.37 -4.60
N GLN A 188 16.68 -18.80 -4.45
CA GLN A 188 16.30 -20.14 -4.90
C GLN A 188 16.20 -20.26 -6.42
N THR A 189 16.18 -19.14 -7.12
CA THR A 189 15.94 -19.12 -8.56
C THR A 189 17.05 -18.46 -9.38
N ALA A 190 18.18 -18.15 -8.74
CA ALA A 190 19.25 -17.40 -9.39
C ALA A 190 19.88 -18.14 -10.58
N HIS A 191 19.77 -19.46 -10.57
CA HIS A 191 20.32 -20.29 -11.63
C HIS A 191 19.40 -20.36 -12.85
N GLU A 192 18.19 -19.81 -12.73
CA GLU A 192 17.20 -19.90 -13.79
C GLU A 192 17.15 -18.60 -14.61
N LYS A 193 16.58 -18.68 -15.80
CA LYS A 193 16.35 -17.48 -16.61
C LYS A 193 15.27 -16.61 -15.96
N PRO A 194 15.58 -15.32 -15.75
CA PRO A 194 14.64 -14.38 -15.12
C PRO A 194 13.37 -14.28 -15.95
N PRO A 195 12.21 -14.33 -15.29
CA PRO A 195 10.93 -14.23 -16.02
C PRO A 195 10.69 -12.82 -16.51
N LYS A 196 10.03 -12.68 -17.66
CA LYS A 196 9.67 -11.36 -18.17
C LYS A 196 8.24 -10.98 -17.78
N ALA A 197 8.10 -9.95 -16.95
CA ALA A 197 6.81 -9.59 -16.37
C ALA A 197 6.22 -8.30 -16.94
N LEU A 198 4.88 -8.26 -17.02
CA LEU A 198 4.17 -7.05 -17.40
C LEU A 198 3.13 -6.69 -16.35
N PHE A 199 3.18 -5.46 -15.85
CA PHE A 199 2.18 -4.97 -14.90
C PHE A 199 1.31 -3.92 -15.58
N ILE A 200 0.02 -4.21 -15.67
CA ILE A 200 -0.92 -3.27 -16.28
C ILE A 200 -2.23 -3.21 -15.51
N GLU A 201 -2.89 -2.04 -15.58
CA GLU A 201 -4.24 -1.90 -15.08
C GLU A 201 -5.15 -1.64 -16.27
N VAL A 202 -6.29 -2.31 -16.30
CA VAL A 202 -7.22 -2.14 -17.40
C VAL A 202 -8.21 -1.00 -17.11
N GLN A 203 -8.24 -0.02 -18.01
CA GLN A 203 -9.15 1.10 -17.91
C GLN A 203 -9.88 1.26 -19.23
N GLY A 204 -11.11 0.77 -19.28
CA GLY A 204 -11.86 0.73 -20.51
C GLY A 204 -11.20 -0.25 -21.46
N LYS A 205 -10.82 0.24 -22.64
CA LYS A 205 -10.19 -0.61 -23.64
C LYS A 205 -8.69 -0.35 -23.68
N HIS A 206 -8.14 0.17 -22.59
CA HIS A 206 -6.72 0.54 -22.57
C HIS A 206 -5.93 -0.13 -21.46
N PHE A 207 -4.64 -0.31 -21.72
CA PHE A 207 -3.72 -0.92 -20.75
C PHE A 207 -2.84 0.12 -20.10
N ARG A 208 -3.25 0.59 -18.93
CA ARG A 208 -2.45 1.52 -18.15
C ARG A 208 -1.18 0.81 -17.69
N LEU A 209 -0.03 1.35 -18.03
CA LEU A 209 1.26 0.70 -17.75
C LEU A 209 1.88 1.08 -16.42
N TYR A 210 2.37 0.09 -15.68
CA TYR A 210 3.14 0.33 -14.46
C TYR A 210 4.58 -0.13 -14.66
N GLY A 211 5.49 0.83 -14.80
CA GLY A 211 6.87 0.54 -15.13
C GLY A 211 7.84 0.63 -13.97
N HIS A 212 9.10 0.87 -14.31
CA HIS A 212 10.19 0.79 -13.35
C HIS A 212 10.10 1.81 -12.21
N LYS A 213 9.48 2.95 -12.46
CA LYS A 213 9.35 3.98 -11.43
C LYS A 213 8.14 3.78 -10.50
N THR A 214 7.39 2.69 -10.72
CA THR A 214 6.26 2.40 -9.84
C THR A 214 6.63 1.30 -8.84
N LEU A 215 5.90 1.24 -7.74
CA LEU A 215 6.17 0.22 -6.72
C LEU A 215 5.99 -1.19 -7.28
N ALA A 216 4.93 -1.40 -8.07
CA ALA A 216 4.73 -2.70 -8.71
C ALA A 216 5.94 -3.07 -9.54
N GLY A 217 6.48 -2.10 -10.28
CA GLY A 217 7.70 -2.32 -11.05
C GLY A 217 8.85 -2.67 -10.14
N ASN A 218 8.99 -1.95 -9.04
CA ASN A 218 10.09 -2.17 -8.11
C ASN A 218 9.98 -3.54 -7.43
N ILE A 219 8.75 -4.00 -7.24
CA ILE A 219 8.55 -5.32 -6.65
C ILE A 219 9.04 -6.38 -7.64
N GLY A 220 8.66 -6.23 -8.91
CA GLY A 220 9.19 -7.08 -9.96
C GLY A 220 10.72 -7.08 -10.03
N ALA A 221 11.31 -5.89 -10.01
CA ALA A 221 12.78 -5.77 -10.04
C ALA A 221 13.44 -6.36 -8.78
N SER A 222 12.89 -6.05 -7.61
CA SER A 222 13.39 -6.63 -6.36
C SER A 222 13.42 -8.16 -6.45
N LEU A 223 12.41 -8.74 -7.07
CA LEU A 223 12.30 -10.18 -7.20
C LEU A 223 13.07 -10.72 -8.41
N HIS A 224 13.96 -9.88 -8.94
CA HIS A 224 14.88 -10.27 -10.03
C HIS A 224 14.18 -10.58 -11.35
N ALA A 225 12.97 -10.07 -11.52
CA ALA A 225 12.26 -10.26 -12.77
C ALA A 225 12.72 -9.25 -13.81
N ASP A 226 12.48 -9.57 -15.08
CA ASP A 226 12.74 -8.64 -16.16
C ASP A 226 11.45 -7.86 -16.42
N VAL A 227 11.34 -6.68 -15.81
CA VAL A 227 10.11 -5.90 -15.87
C VAL A 227 10.01 -5.10 -17.16
N ILE A 228 8.93 -5.30 -17.90
CA ILE A 228 8.67 -4.56 -19.13
C ILE A 228 8.30 -3.12 -18.84
N ASP A 229 8.87 -2.19 -19.59
CA ASP A 229 8.56 -0.77 -19.44
C ASP A 229 8.86 0.01 -20.72
N THR A 230 7.81 0.34 -21.45
CA THR A 230 7.96 1.07 -22.71
C THR A 230 7.94 2.59 -22.48
N GLU A 231 7.90 2.99 -21.21
CA GLU A 231 7.96 4.40 -20.83
C GLU A 231 6.87 5.23 -21.50
N THR A 232 5.63 4.77 -21.34
CA THR A 232 4.47 5.43 -21.90
C THR A 232 3.37 5.28 -20.84
N PRO A 233 2.47 6.28 -20.75
CA PRO A 233 1.38 6.11 -19.77
C PRO A 233 0.50 4.91 -20.12
N SER A 234 0.59 4.44 -21.37
CA SER A 234 -0.21 3.32 -21.85
C SER A 234 0.64 2.40 -22.71
N ILE A 235 0.36 1.11 -22.68
CA ILE A 235 1.03 0.18 -23.57
C ILE A 235 0.05 -0.46 -24.56
N SER A 236 0.35 -0.31 -25.84
CA SER A 236 -0.51 -0.85 -26.88
C SER A 236 -0.52 -2.38 -26.84
N MSE A 237 -1.64 -2.96 -27.25
CA MSE A 237 -1.75 -4.40 -27.41
C MSE A 237 -0.65 -4.90 -28.35
O MSE A 237 -0.13 -6.00 -28.20
CB MSE A 237 -3.13 -4.77 -27.93
CG MSE A 237 -3.35 -6.25 -28.18
SE MSE A 237 -5.24 -6.74 -28.33
CE MSE A 237 -5.90 -5.83 -26.75
N GLU A 238 -0.30 -4.04 -29.30
CA GLU A 238 0.77 -4.33 -30.25
C GLU A 238 2.14 -4.43 -29.58
N ASP A 239 2.44 -3.47 -28.70
CA ASP A 239 3.68 -3.48 -27.94
C ASP A 239 3.75 -4.64 -26.96
N VAL A 240 2.58 -5.07 -26.48
CA VAL A 240 2.52 -6.21 -25.58
C VAL A 240 2.90 -7.49 -26.33
N VAL A 241 2.41 -7.63 -27.56
CA VAL A 241 2.77 -8.77 -28.41
C VAL A 241 4.28 -8.82 -28.66
N GLU A 242 4.85 -7.67 -28.97
CA GLU A 242 6.30 -7.58 -29.22
C GLU A 242 7.10 -7.93 -27.97
N GLN A 243 6.76 -7.31 -26.85
CA GLN A 243 7.49 -7.51 -25.61
C GLN A 243 7.33 -8.94 -25.09
N ASN A 244 6.14 -9.49 -25.24
CA ASN A 244 5.88 -10.91 -24.98
C ASN A 244 6.22 -11.37 -23.55
N PRO A 245 5.46 -10.87 -22.55
CA PRO A 245 5.74 -11.27 -21.17
C PRO A 245 5.42 -12.74 -20.90
N ASP A 246 6.21 -13.36 -20.04
CA ASP A 246 5.93 -14.70 -19.51
C ASP A 246 4.74 -14.70 -18.56
N VAL A 247 4.52 -13.57 -17.90
CA VAL A 247 3.45 -13.45 -16.90
C VAL A 247 2.91 -12.02 -16.87
N ILE A 248 1.59 -11.88 -16.87
CA ILE A 248 0.95 -10.58 -16.79
C ILE A 248 0.31 -10.39 -15.43
N PHE A 249 0.57 -9.25 -14.81
CA PHE A 249 -0.15 -8.88 -13.60
C PHE A 249 -1.19 -7.82 -13.93
N LEU A 250 -2.45 -8.16 -13.67
CA LEU A 250 -3.56 -7.23 -13.86
C LEU A 250 -3.85 -6.49 -12.57
N ILE A 251 -3.47 -5.22 -12.52
CA ILE A 251 -3.70 -4.40 -11.34
C ILE A 251 -5.14 -3.89 -11.30
N VAL A 252 -5.80 -4.09 -10.16
CA VAL A 252 -7.20 -3.71 -10.02
C VAL A 252 -7.42 -2.80 -8.83
N SER A 253 -8.07 -1.66 -9.06
CA SER A 253 -8.35 -0.71 -8.01
C SER A 253 -9.58 -1.13 -7.19
N ASP A 254 -9.76 -0.54 -6.03
CA ASP A 254 -10.89 -1.01 -5.24
C ASP A 254 -12.32 -0.85 -5.80
N GLY A 255 -12.76 0.29 -6.34
CA GLY A 255 -14.12 0.31 -6.84
C GLY A 255 -14.37 -0.69 -7.95
N GLU A 256 -13.30 -1.09 -8.63
CA GLU A 256 -13.43 -1.93 -9.81
C GLU A 256 -13.30 -3.43 -9.54
N TYR A 257 -13.38 -3.80 -8.26
CA TYR A 257 -13.46 -5.20 -7.87
C TYR A 257 -14.68 -5.89 -8.46
N SER A 258 -15.80 -5.16 -8.52
CA SER A 258 -17.06 -5.71 -9.04
C SER A 258 -16.99 -6.03 -10.54
N GLN A 259 -15.98 -5.49 -11.22
CA GLN A 259 -15.79 -5.73 -12.64
C GLN A 259 -14.69 -6.74 -12.92
N ALA A 260 -14.21 -7.42 -11.87
CA ALA A 260 -13.05 -8.32 -11.96
C ALA A 260 -13.14 -9.36 -13.08
N ASP A 261 -14.22 -10.12 -13.10
CA ASP A 261 -14.40 -11.18 -14.09
C ASP A 261 -14.47 -10.63 -15.50
N VAL A 262 -15.12 -9.48 -15.65
CA VAL A 262 -15.22 -8.80 -16.93
C VAL A 262 -13.87 -8.28 -17.40
N ILE A 263 -13.07 -7.78 -16.46
CA ILE A 263 -11.71 -7.35 -16.78
C ILE A 263 -10.88 -8.52 -17.29
N MSE A 264 -10.88 -9.60 -16.53
CA MSE A 264 -10.07 -10.77 -16.84
C MSE A 264 -10.47 -11.34 -18.19
O MSE A 264 -9.63 -11.65 -19.02
CB MSE A 264 -10.22 -11.85 -15.77
CG MSE A 264 -9.44 -13.12 -16.08
SE MSE A 264 -7.50 -12.86 -16.04
CE MSE A 264 -7.22 -12.84 -14.11
N ASN A 265 -11.78 -11.45 -18.40
CA ASN A 265 -12.29 -12.00 -19.64
C ASN A 265 -11.94 -11.14 -20.85
N TYR A 266 -11.94 -9.82 -20.66
CA TYR A 266 -11.54 -8.90 -21.72
C TYR A 266 -10.07 -9.14 -22.12
N VAL A 267 -9.22 -9.38 -21.14
CA VAL A 267 -7.80 -9.58 -21.40
C VAL A 267 -7.55 -10.93 -22.07
N LEU A 268 -8.12 -11.99 -21.50
CA LEU A 268 -7.94 -13.34 -21.99
C LEU A 268 -8.53 -13.54 -23.38
N THR A 269 -9.85 -13.40 -23.48
CA THR A 269 -10.54 -13.57 -24.76
C THR A 269 -10.25 -12.40 -25.69
N GLN A 270 -9.05 -12.38 -26.23
CA GLN A 270 -8.64 -11.33 -27.15
C GLN A 270 -8.28 -11.96 -28.49
N SER A 271 -7.65 -11.19 -29.36
CA SER A 271 -7.22 -11.69 -30.65
C SER A 271 -5.72 -11.54 -30.81
N GLY A 272 -5.25 -10.29 -30.75
CA GLY A 272 -3.84 -10.01 -30.86
C GLY A 272 -3.04 -10.61 -29.72
N LEU A 273 -3.68 -10.73 -28.57
CA LEU A 273 -3.00 -11.18 -27.36
C LEU A 273 -2.83 -12.69 -27.26
N GLN A 274 -3.61 -13.43 -28.03
CA GLN A 274 -3.64 -14.89 -27.92
C GLN A 274 -2.27 -15.56 -28.09
N GLY A 275 -1.40 -14.96 -28.90
CA GLY A 275 -0.07 -15.49 -29.14
C GLY A 275 0.91 -15.28 -27.99
N VAL A 276 0.61 -14.32 -27.13
CA VAL A 276 1.52 -13.98 -26.03
C VAL A 276 1.69 -15.15 -25.04
N ASN A 277 2.93 -15.40 -24.64
CA ASN A 277 3.25 -16.51 -23.75
C ASN A 277 2.42 -16.58 -22.48
N ALA A 278 2.25 -15.43 -21.84
CA ALA A 278 1.47 -15.35 -20.60
C ALA A 278 0.05 -15.85 -20.80
N LEU A 279 -0.53 -15.55 -21.96
CA LEU A 279 -1.86 -16.04 -22.31
C LEU A 279 -1.87 -17.54 -22.64
N ARG A 280 -0.93 -17.98 -23.48
CA ARG A 280 -0.82 -19.39 -23.84
C ARG A 280 -0.69 -20.29 -22.61
N ASN A 281 0.06 -19.81 -21.63
CA ASN A 281 0.38 -20.60 -20.45
C ASN A 281 -0.44 -20.22 -19.23
N LYS A 282 -1.48 -19.41 -19.45
CA LYS A 282 -2.42 -19.04 -18.41
C LYS A 282 -1.75 -18.41 -17.20
N ARG A 283 -0.82 -17.50 -17.47
CA ARG A 283 -0.12 -16.80 -16.40
C ARG A 283 -0.53 -15.34 -16.39
N VAL A 284 -1.81 -15.11 -16.09
CA VAL A 284 -2.37 -13.78 -15.97
C VAL A 284 -3.07 -13.74 -14.64
N HIS A 285 -2.58 -12.89 -13.74
CA HIS A 285 -3.08 -12.88 -12.37
C HIS A 285 -3.51 -11.50 -11.91
N PHE A 286 -4.52 -11.46 -11.05
CA PHE A 286 -4.99 -10.23 -10.44
C PHE A 286 -3.98 -9.75 -9.39
N LEU A 287 -3.77 -8.44 -9.33
CA LEU A 287 -2.90 -7.84 -8.34
C LEU A 287 -3.60 -6.58 -7.79
N PRO A 288 -4.05 -6.64 -6.53
CA PRO A 288 -4.80 -5.50 -5.97
C PRO A 288 -3.94 -4.25 -5.87
N LEU A 289 -4.49 -3.13 -6.36
CA LEU A 289 -3.85 -1.83 -6.28
C LEU A 289 -3.49 -1.48 -4.85
N LEU A 290 -4.37 -1.81 -3.91
CA LEU A 290 -4.13 -1.52 -2.49
C LEU A 290 -2.87 -2.21 -1.95
N ALA A 291 -2.33 -3.15 -2.71
CA ALA A 291 -1.11 -3.86 -2.30
C ALA A 291 0.13 -3.35 -3.02
N VAL A 292 -0.05 -2.50 -4.02
CA VAL A 292 1.09 -2.03 -4.81
C VAL A 292 1.13 -0.52 -5.02
N TYR A 293 0.24 0.20 -4.34
CA TYR A 293 0.29 1.64 -4.40
C TYR A 293 0.13 2.19 -2.97
N SER A 294 1.20 2.77 -2.44
CA SER A 294 1.30 3.13 -1.01
C SER A 294 0.63 2.14 -0.07
N PRO A 295 1.05 0.87 -0.12
CA PRO A 295 0.26 -0.17 0.56
C PRO A 295 0.52 -0.29 2.05
N GLY A 296 1.62 0.27 2.54
CA GLY A 296 2.02 0.04 3.92
C GLY A 296 2.15 -1.46 4.16
N ILE A 297 1.60 -1.94 5.27
CA ILE A 297 1.69 -3.35 5.62
C ILE A 297 1.18 -4.32 4.53
N ARG A 298 0.30 -3.84 3.64
CA ARG A 298 -0.29 -4.71 2.61
C ARG A 298 0.70 -5.02 1.46
N LEU A 299 1.90 -4.46 1.56
CA LEU A 299 2.98 -4.84 0.65
C LEU A 299 3.23 -6.36 0.70
N LEU A 300 2.94 -6.98 1.84
CA LEU A 300 3.07 -8.44 1.98
C LEU A 300 2.22 -9.19 0.96
N ASP A 301 1.01 -8.71 0.71
CA ASP A 301 0.10 -9.33 -0.26
C ASP A 301 0.68 -9.30 -1.67
N SER A 302 1.25 -8.16 -2.06
CA SER A 302 1.81 -8.03 -3.39
C SER A 302 3.09 -8.84 -3.58
N ILE A 303 3.95 -8.86 -2.55
CA ILE A 303 5.13 -9.71 -2.57
C ILE A 303 4.74 -11.16 -2.86
N ASP A 304 3.74 -11.66 -2.14
CA ASP A 304 3.25 -13.02 -2.33
C ASP A 304 2.69 -13.29 -3.73
N ILE A 305 1.85 -12.38 -4.20
CA ILE A 305 1.25 -12.54 -5.52
C ILE A 305 2.30 -12.48 -6.63
N VAL A 306 3.19 -11.50 -6.54
CA VAL A 306 4.20 -11.35 -7.57
C VAL A 306 5.24 -12.48 -7.56
N SER A 307 5.73 -12.85 -6.37
CA SER A 307 6.71 -13.92 -6.29
C SER A 307 6.10 -15.25 -6.74
N HIS A 308 4.85 -15.50 -6.34
CA HIS A 308 4.18 -16.74 -6.70
C HIS A 308 3.87 -16.79 -8.20
N GLY A 309 3.50 -15.65 -8.78
CA GLY A 309 3.27 -15.56 -10.21
C GLY A 309 4.54 -15.60 -11.04
N LEU A 310 5.62 -15.01 -10.53
CA LEU A 310 6.88 -14.99 -11.27
C LEU A 310 7.52 -16.37 -11.26
N TYR A 311 7.43 -17.07 -10.13
CA TYR A 311 8.13 -18.35 -9.98
C TYR A 311 7.24 -19.52 -9.58
N PRO A 312 6.34 -19.96 -10.49
CA PRO A 312 5.36 -21.03 -10.23
C PRO A 312 5.99 -22.35 -9.80
N ASN A 313 7.22 -22.60 -10.23
CA ASN A 313 7.90 -23.83 -9.84
C ASN A 313 8.38 -23.82 -8.40
N LEU A 314 8.75 -22.64 -7.92
CA LEU A 314 9.15 -22.49 -6.53
C LEU A 314 7.93 -22.50 -5.61
N TYR A 315 6.82 -21.96 -6.10
CA TYR A 315 5.59 -21.90 -5.32
C TYR A 315 4.45 -22.67 -6.00
N PRO A 316 4.51 -24.01 -5.96
CA PRO A 316 3.55 -24.88 -6.66
C PRO A 316 2.12 -24.72 -6.14
N GLU A 317 1.98 -24.23 -4.93
CA GLU A 317 0.70 -24.01 -4.30
C GLU A 317 -0.22 -23.02 -5.00
N GLY A 318 0.33 -22.22 -5.88
CA GLY A 318 -0.46 -21.31 -6.70
C GLY A 318 -0.45 -19.87 -6.23
N VAL A 319 -0.96 -18.99 -7.09
CA VAL A 319 -1.01 -17.56 -6.82
C VAL A 319 -2.28 -17.21 -6.06
N PRO A 320 -2.12 -16.48 -4.94
CA PRO A 320 -3.27 -16.12 -4.08
C PRO A 320 -4.30 -15.23 -4.81
N ASP A 321 -5.59 -15.44 -4.51
CA ASP A 321 -6.68 -14.65 -5.06
C ASP A 321 -7.13 -13.60 -4.05
N LEU A 322 -7.47 -12.41 -4.52
CA LEU A 322 -8.09 -11.40 -3.66
C LEU A 322 -9.36 -10.87 -4.30
N ILE A 323 -10.50 -11.12 -3.64
CA ILE A 323 -11.86 -11.01 -4.22
C ILE A 323 -11.91 -11.21 -5.73
C1 GOL B . -2.23 11.51 -4.88
O1 GOL B . -1.80 12.56 -5.72
C2 GOL B . -2.74 12.09 -3.57
O2 GOL B . -4.05 11.64 -3.32
C3 GOL B . -1.81 11.70 -2.42
O3 GOL B . -0.90 12.73 -2.09
P PO4 C . 10.00 -19.88 3.50
O1 PO4 C . 10.88 -18.76 2.98
O2 PO4 C . 8.57 -19.62 3.09
O3 PO4 C . 10.45 -21.21 2.92
O4 PO4 C . 10.09 -19.93 5.01
#